data_2WIA
#
_entry.id   2WIA
#
_cell.length_a   84.204
_cell.length_b   84.204
_cell.length_c   122.457
_cell.angle_alpha   90.00
_cell.angle_beta   90.00
_cell.angle_gamma   120.00
#
_symmetry.space_group_name_H-M   'P 63'
#
loop_
_entity.id
_entity.type
_entity.pdbx_description
1 polymer 'FERROUS IRON TRANSPORT PROTEIN B'
2 non-polymer 'MAGNESIUM ION'
3 water water
#
_entity_poly.entity_id   1
_entity_poly.type   'polypeptide(L)'
_entity_poly.pdbx_seq_one_letter_code
;MQKLTVGLIGNPNSGKTTLFNQLTGARQRVGNWAGVTVERKEGIFATTDHQVTLVDLPGTYSLTTISSQTSLDEQIACHY
ILSGDADMLINVVDASNLERNLYLTLQLLELGIPCVVALNMLDIAEKQQVRIDIDALAARLGCPVIPLVSTRGRGIEALK
IALDRHQANSDLELVHYPQPLLREADLLAQQMSAQIPPRQRRWLGLQMLEGDIYSRAYAGDAADKLDIALANLSDEIDDP
ALHIADARYQTIAAICDAVSNTLTAEP
;
_entity_poly.pdbx_strand_id   A,B
#
# COMPACT_ATOMS: atom_id res chain seq x y z
N MET A 1 -12.17 13.13 -36.18
CA MET A 1 -11.27 13.29 -35.02
C MET A 1 -10.28 12.10 -34.87
N GLN A 2 -9.06 12.47 -34.40
CA GLN A 2 -7.94 11.54 -34.32
C GLN A 2 -8.12 10.53 -33.21
N LYS A 3 -7.57 9.34 -33.35
CA LYS A 3 -7.73 8.34 -32.32
C LYS A 3 -6.51 8.43 -31.36
N LEU A 4 -6.73 8.12 -30.10
CA LEU A 4 -5.74 8.18 -29.07
C LEU A 4 -6.19 7.20 -27.98
N THR A 5 -5.26 6.31 -27.55
CA THR A 5 -5.39 5.28 -26.56
C THR A 5 -4.62 5.86 -25.34
N VAL A 6 -5.32 6.02 -24.21
CA VAL A 6 -4.77 6.59 -23.03
C VAL A 6 -4.91 5.47 -22.00
N GLY A 7 -3.87 5.16 -21.24
CA GLY A 7 -4.06 4.35 -20.03
C GLY A 7 -4.39 5.24 -18.79
N LEU A 8 -5.35 4.77 -17.93
CA LEU A 8 -5.64 5.32 -16.62
C LEU A 8 -5.04 4.43 -15.49
N ILE A 9 -4.19 4.95 -14.66
CA ILE A 9 -3.36 4.21 -13.74
C ILE A 9 -3.23 5.08 -12.47
N GLY A 10 -3.15 4.43 -11.36
CA GLY A 10 -2.99 5.07 -10.05
C GLY A 10 -2.95 3.97 -8.97
N ASN A 11 -2.57 4.27 -7.78
CA ASN A 11 -2.78 3.64 -6.51
C ASN A 11 -4.31 3.30 -6.35
N PRO A 12 -4.61 2.20 -5.61
CA PRO A 12 -5.97 1.81 -5.21
C PRO A 12 -6.55 2.90 -4.37
N ASN A 13 -7.84 3.09 -4.31
CA ASN A 13 -8.34 4.11 -3.35
C ASN A 13 -7.97 5.57 -3.62
N SER A 14 -7.55 5.91 -4.82
CA SER A 14 -7.01 7.24 -5.10
C SER A 14 -7.80 8.03 -6.11
N GLY A 15 -8.93 7.41 -6.45
CA GLY A 15 -10.12 8.05 -7.09
C GLY A 15 -10.18 7.73 -8.56
N LYS A 16 -9.50 6.65 -8.92
CA LYS A 16 -9.31 6.21 -10.31
C LYS A 16 -10.59 5.82 -11.01
N THR A 17 -11.55 5.12 -10.38
CA THR A 17 -12.90 4.85 -11.05
C THR A 17 -13.87 6.07 -11.19
N THR A 18 -13.85 6.89 -10.17
CA THR A 18 -14.54 8.18 -10.28
C THR A 18 -14.06 8.89 -11.51
N LEU A 19 -12.77 9.09 -11.69
CA LEU A 19 -12.29 9.82 -12.88
C LEU A 19 -12.76 9.07 -14.14
N PHE A 20 -12.68 7.77 -14.17
CA PHE A 20 -13.02 7.03 -15.37
C PHE A 20 -14.47 7.12 -15.78
N ASN A 21 -15.38 7.05 -14.78
CA ASN A 21 -16.84 7.20 -14.95
C ASN A 21 -17.28 8.57 -15.35
N GLN A 22 -16.72 9.64 -14.73
CA GLN A 22 -16.90 10.98 -15.22
C GLN A 22 -16.43 11.20 -16.65
N LEU A 23 -15.34 10.60 -17.10
CA LEU A 23 -14.75 10.88 -18.45
C LEU A 23 -15.54 10.17 -19.55
N THR A 24 -15.91 8.89 -19.32
CA THR A 24 -16.56 8.08 -20.29
C THR A 24 -18.07 8.04 -20.09
N GLY A 25 -18.63 8.43 -18.95
CA GLY A 25 -20.07 8.36 -18.71
C GLY A 25 -20.55 6.91 -18.95
N ALA A 26 -21.53 6.77 -19.83
CA ALA A 26 -22.12 5.53 -20.39
C ALA A 26 -21.30 4.84 -21.47
N ARG A 27 -20.56 5.56 -22.25
CA ARG A 27 -19.74 4.92 -23.30
C ARG A 27 -18.57 4.17 -22.65
N GLN A 28 -18.93 3.18 -21.83
CA GLN A 28 -17.95 2.24 -21.34
C GLN A 28 -18.46 0.81 -21.50
N ARG A 29 -17.51 -0.12 -21.60
CA ARG A 29 -17.83 -1.58 -21.52
C ARG A 29 -16.79 -2.29 -20.69
N VAL A 30 -17.13 -3.46 -20.19
CA VAL A 30 -16.32 -4.28 -19.33
C VAL A 30 -15.94 -5.56 -20.08
N GLY A 31 -14.68 -5.94 -20.05
CA GLY A 31 -14.25 -7.20 -20.55
C GLY A 31 -13.38 -7.74 -19.46
N ASN A 32 -12.55 -8.71 -19.78
CA ASN A 32 -11.55 -9.34 -18.89
C ASN A 32 -10.14 -9.13 -19.49
N TRP A 33 -9.12 -9.02 -18.64
CA TRP A 33 -7.78 -8.99 -19.19
C TRP A 33 -7.43 -10.36 -19.83
N ALA A 34 -6.80 -10.29 -20.99
CA ALA A 34 -6.48 -11.49 -21.80
C ALA A 34 -5.97 -12.61 -20.92
N GLY A 35 -6.65 -13.76 -21.00
CA GLY A 35 -6.13 -14.90 -20.35
C GLY A 35 -6.52 -15.00 -18.90
N VAL A 36 -7.08 -13.91 -18.34
CA VAL A 36 -7.55 -13.96 -16.95
C VAL A 36 -8.94 -13.49 -16.78
N THR A 37 -9.47 -13.51 -15.57
CA THR A 37 -10.87 -13.22 -15.40
C THR A 37 -10.84 -11.90 -14.66
N VAL A 38 -9.69 -11.24 -14.63
CA VAL A 38 -9.62 -9.86 -14.09
C VAL A 38 -10.33 -8.92 -15.05
N GLU A 39 -11.16 -8.07 -14.49
CA GLU A 39 -11.95 -7.12 -15.25
C GLU A 39 -11.07 -6.00 -15.86
N ARG A 40 -11.38 -5.70 -17.13
CA ARG A 40 -10.73 -4.68 -17.85
C ARG A 40 -11.77 -3.71 -18.28
N LYS A 41 -11.84 -2.51 -17.71
CA LYS A 41 -12.91 -1.60 -18.17
C LYS A 41 -12.34 -0.75 -19.27
N GLU A 42 -13.12 -0.59 -20.33
CA GLU A 42 -12.74 0.32 -21.39
C GLU A 42 -13.78 1.38 -21.74
N GLY A 43 -13.31 2.58 -22.08
CA GLY A 43 -14.22 3.70 -22.47
C GLY A 43 -13.72 4.71 -23.50
N ILE A 44 -14.59 5.60 -23.89
CA ILE A 44 -14.35 6.56 -24.96
C ILE A 44 -14.94 7.87 -24.55
N PHE A 45 -14.19 8.95 -24.79
CA PHE A 45 -14.72 10.36 -24.75
C PHE A 45 -13.92 11.13 -25.81
N ALA A 46 -14.35 12.37 -26.02
CA ALA A 46 -14.00 13.14 -27.15
C ALA A 46 -13.22 14.25 -26.61
N THR A 47 -12.04 14.55 -27.16
CA THR A 47 -11.45 15.83 -26.79
C THR A 47 -11.64 16.80 -27.99
N THR A 48 -11.22 18.04 -27.88
CA THR A 48 -11.16 18.87 -29.07
C THR A 48 -10.50 18.22 -30.32
N ASP A 49 -9.43 17.45 -30.21
CA ASP A 49 -8.65 16.97 -31.35
C ASP A 49 -8.79 15.45 -31.56
N HIS A 50 -9.14 14.72 -30.46
CA HIS A 50 -9.03 13.26 -30.43
C HIS A 50 -10.34 12.63 -30.08
N GLN A 51 -10.48 11.33 -30.31
CA GLN A 51 -11.54 10.56 -29.77
C GLN A 51 -10.69 9.62 -29.02
N VAL A 52 -10.90 9.54 -27.68
CA VAL A 52 -9.95 8.82 -26.85
C VAL A 52 -10.60 7.48 -26.44
N THR A 53 -9.84 6.40 -26.59
CA THR A 53 -10.09 5.13 -26.00
C THR A 53 -9.25 5.13 -24.65
N LEU A 54 -10.03 5.18 -23.53
CA LEU A 54 -9.53 5.10 -22.16
C LEU A 54 -9.72 3.67 -21.64
N VAL A 55 -8.61 3.09 -21.23
CA VAL A 55 -8.46 1.76 -20.71
C VAL A 55 -8.07 1.88 -19.24
N ASP A 56 -8.89 1.34 -18.34
CA ASP A 56 -8.70 1.49 -16.91
C ASP A 56 -7.78 0.39 -16.47
N LEU A 57 -6.61 0.78 -15.93
CA LEU A 57 -5.63 -0.15 -15.50
C LEU A 57 -5.77 -0.57 -14.01
N PRO A 58 -5.42 -1.83 -13.68
CA PRO A 58 -5.60 -2.18 -12.26
C PRO A 58 -4.77 -1.27 -11.32
N GLY A 59 -5.41 -0.97 -10.20
CA GLY A 59 -4.93 -0.03 -9.27
C GLY A 59 -3.70 -0.52 -8.64
N THR A 60 -2.64 0.31 -8.58
CA THR A 60 -1.32 -0.19 -8.06
C THR A 60 -0.36 0.87 -7.47
N TYR A 61 0.44 0.47 -6.48
CA TYR A 61 1.39 1.27 -5.76
C TYR A 61 2.77 1.35 -6.49
N SER A 62 3.09 0.39 -7.33
CA SER A 62 4.39 0.26 -7.94
C SER A 62 4.23 -0.45 -9.25
N LEU A 63 5.14 -0.28 -10.17
CA LEU A 63 5.14 -1.12 -11.38
C LEU A 63 5.87 -2.41 -11.13
N THR A 64 6.98 -2.33 -10.42
CA THR A 64 7.60 -3.54 -9.91
C THR A 64 7.02 -4.15 -8.59
N GLN A 69 6.71 -10.82 -2.81
CA GLN A 69 5.48 -11.28 -3.54
C GLN A 69 5.47 -10.58 -4.91
N THR A 70 4.55 -11.02 -5.68
CA THR A 70 4.21 -10.51 -7.07
C THR A 70 2.80 -10.06 -7.03
N SER A 71 2.15 -9.62 -8.09
CA SER A 71 0.66 -9.58 -7.92
C SER A 71 0.11 -9.57 -9.31
N LEU A 72 -1.10 -9.86 -9.59
CA LEU A 72 -1.71 -9.90 -10.90
C LEU A 72 -2.15 -8.49 -11.37
N ASP A 73 -2.79 -7.76 -10.47
CA ASP A 73 -3.04 -6.35 -10.77
C ASP A 73 -1.78 -5.66 -11.17
N GLU A 74 -0.73 -5.87 -10.38
CA GLU A 74 0.64 -5.39 -10.68
C GLU A 74 1.22 -5.90 -12.02
N GLN A 75 1.24 -7.22 -12.25
CA GLN A 75 1.74 -7.71 -13.54
C GLN A 75 0.97 -7.14 -14.71
N ILE A 76 -0.33 -6.93 -14.50
CA ILE A 76 -1.19 -6.37 -15.56
C ILE A 76 -0.87 -4.89 -15.96
N ALA A 77 -0.83 -3.97 -14.99
CA ALA A 77 -0.53 -2.55 -15.24
C ALA A 77 0.84 -2.44 -15.94
N CYS A 78 1.83 -3.13 -15.44
CA CYS A 78 3.18 -3.12 -15.93
C CYS A 78 3.36 -3.66 -17.36
N HIS A 79 3.00 -4.92 -17.56
CA HIS A 79 2.80 -5.46 -18.90
C HIS A 79 2.14 -4.60 -19.88
N TYR A 80 1.00 -4.02 -19.52
CA TYR A 80 0.35 -3.00 -20.40
C TYR A 80 1.20 -1.72 -20.59
N ILE A 81 1.67 -1.18 -19.49
CA ILE A 81 2.58 -0.02 -19.56
C ILE A 81 3.80 -0.26 -20.54
N LEU A 82 4.50 -1.41 -20.47
CA LEU A 82 5.62 -1.71 -21.36
C LEU A 82 5.25 -2.12 -22.80
N SER A 83 3.95 -2.20 -23.12
CA SER A 83 3.53 -2.78 -24.39
C SER A 83 3.52 -1.69 -25.41
N GLY A 84 3.25 -0.44 -25.02
CA GLY A 84 3.18 0.64 -26.03
C GLY A 84 1.80 0.72 -26.68
N ASP A 85 0.91 -0.20 -26.36
CA ASP A 85 -0.52 0.01 -26.65
C ASP A 85 -1.05 1.48 -26.42
N ALA A 86 -0.52 2.15 -25.38
CA ALA A 86 -0.95 3.44 -24.95
C ALA A 86 -0.11 4.52 -25.59
N ASP A 87 -0.77 5.45 -26.29
CA ASP A 87 -0.11 6.63 -26.67
C ASP A 87 0.24 7.57 -25.50
N MET A 88 -0.45 7.48 -24.35
CA MET A 88 -0.33 8.43 -23.23
C MET A 88 -1.03 7.85 -22.00
N LEU A 89 -0.62 8.35 -20.83
CA LEU A 89 -1.15 7.93 -19.53
C LEU A 89 -1.66 9.12 -18.83
N ILE A 90 -2.81 8.92 -18.18
CA ILE A 90 -3.41 9.89 -17.16
C ILE A 90 -3.05 9.21 -15.83
N ASN A 91 -2.26 9.84 -14.99
CA ASN A 91 -1.76 9.21 -13.69
C ASN A 91 -2.60 10.00 -12.68
N VAL A 92 -3.54 9.32 -12.06
CA VAL A 92 -4.41 9.91 -11.05
C VAL A 92 -3.61 9.88 -9.81
N VAL A 93 -3.46 11.04 -9.13
CA VAL A 93 -2.61 11.17 -7.93
C VAL A 93 -3.37 11.85 -6.83
N ASP A 94 -3.45 11.18 -5.66
CA ASP A 94 -4.11 11.72 -4.49
C ASP A 94 -3.23 12.77 -3.76
N ALA A 95 -3.63 14.01 -3.86
CA ALA A 95 -2.94 15.15 -3.23
C ALA A 95 -2.68 14.99 -1.78
N SER A 96 -3.55 14.22 -1.09
CA SER A 96 -3.42 14.08 0.41
C SER A 96 -2.43 12.92 0.85
N ASN A 97 -1.88 12.20 -0.13
CA ASN A 97 -0.86 11.21 0.10
C ASN A 97 0.16 11.29 -1.05
N LEU A 98 0.55 12.52 -1.32
CA LEU A 98 1.39 12.89 -2.42
C LEU A 98 2.67 12.12 -2.52
N GLU A 99 3.34 11.85 -1.40
CA GLU A 99 4.67 11.20 -1.48
C GLU A 99 4.54 9.71 -1.85
N ARG A 100 3.65 9.03 -1.17
CA ARG A 100 3.40 7.68 -1.52
C ARG A 100 2.85 7.50 -2.97
N ASN A 101 2.11 8.47 -3.47
CA ASN A 101 1.68 8.44 -4.86
C ASN A 101 2.75 8.60 -5.99
N LEU A 102 3.84 9.28 -5.67
CA LEU A 102 4.81 9.77 -6.64
C LEU A 102 5.80 8.69 -6.97
N TYR A 103 5.70 7.66 -6.17
CA TYR A 103 6.50 6.52 -6.36
C TYR A 103 6.14 5.87 -7.69
N LEU A 104 4.84 5.57 -7.89
CA LEU A 104 4.32 5.11 -9.17
C LEU A 104 4.65 6.13 -10.29
N THR A 105 4.37 7.41 -10.00
CA THR A 105 4.71 8.52 -10.96
C THR A 105 6.17 8.57 -11.52
N LEU A 106 7.12 8.58 -10.61
CA LEU A 106 8.49 8.49 -11.01
C LEU A 106 8.80 7.35 -11.89
N GLN A 107 8.23 6.19 -11.65
CA GLN A 107 8.48 5.05 -12.49
C GLN A 107 8.03 5.36 -13.90
N LEU A 108 6.80 5.91 -14.07
CA LEU A 108 6.30 6.29 -15.41
C LEU A 108 7.20 7.31 -16.08
N LEU A 109 7.71 8.26 -15.27
CA LEU A 109 8.54 9.30 -15.77
C LEU A 109 9.97 8.79 -16.17
N GLU A 110 10.55 7.86 -15.39
CA GLU A 110 11.80 7.32 -15.85
C GLU A 110 11.65 6.40 -17.08
N LEU A 111 10.51 5.75 -17.25
CA LEU A 111 10.14 5.07 -18.50
C LEU A 111 9.94 5.96 -19.73
N GLY A 112 9.54 7.19 -19.50
CA GLY A 112 9.43 8.16 -20.56
C GLY A 112 8.10 8.21 -21.28
N ILE A 113 7.08 7.54 -20.72
CA ILE A 113 5.72 7.46 -21.31
C ILE A 113 5.11 8.82 -21.16
N PRO A 114 4.61 9.45 -22.28
CA PRO A 114 3.94 10.72 -22.18
C PRO A 114 2.86 10.72 -21.12
N CYS A 115 2.97 11.61 -20.15
CA CYS A 115 2.15 11.42 -18.97
C CYS A 115 1.47 12.72 -18.55
N VAL A 116 0.17 12.68 -18.20
CA VAL A 116 -0.55 13.83 -17.64
C VAL A 116 -0.97 13.47 -16.21
N VAL A 117 -0.60 14.31 -15.21
CA VAL A 117 -0.92 13.91 -13.84
C VAL A 117 -2.34 14.44 -13.46
N ALA A 118 -3.21 13.62 -12.93
CA ALA A 118 -4.49 14.22 -12.56
C ALA A 118 -4.52 14.29 -11.09
N LEU A 119 -4.40 15.49 -10.56
CA LEU A 119 -4.19 15.64 -9.15
C LEU A 119 -5.53 15.81 -8.44
N ASN A 120 -5.94 14.74 -7.75
CA ASN A 120 -7.17 14.85 -7.02
C ASN A 120 -7.20 14.89 -5.50
N MET A 121 -8.42 14.90 -4.97
CA MET A 121 -8.80 14.87 -3.56
C MET A 121 -8.16 16.03 -2.91
N LEU A 122 -8.46 17.18 -3.50
CA LEU A 122 -7.74 18.36 -3.12
C LEU A 122 -8.52 19.00 -1.98
N ASP A 123 -9.75 18.55 -1.83
CA ASP A 123 -10.57 18.91 -0.64
C ASP A 123 -9.97 18.35 0.65
N ILE A 124 -9.59 17.07 0.64
CA ILE A 124 -9.02 16.47 1.83
C ILE A 124 -7.64 17.08 2.19
N ALA A 125 -6.85 17.43 1.18
CA ALA A 125 -5.61 18.03 1.34
C ALA A 125 -5.79 19.39 2.03
N GLU A 126 -6.69 20.30 1.56
CA GLU A 126 -7.08 21.52 2.30
C GLU A 126 -7.30 21.21 3.78
N LYS A 127 -8.34 20.45 4.15
CA LYS A 127 -8.67 20.04 5.60
C LYS A 127 -7.45 19.61 6.37
N GLN A 128 -6.77 18.59 5.84
CA GLN A 128 -5.49 18.16 6.37
C GLN A 128 -4.39 19.28 6.21
N GLN A 129 -4.76 20.40 5.62
CA GLN A 129 -3.88 21.57 5.69
C GLN A 129 -2.64 21.39 4.79
N VAL A 130 -2.81 20.63 3.70
CA VAL A 130 -1.77 20.57 2.69
C VAL A 130 -2.17 21.36 1.48
N ARG A 131 -1.21 22.15 1.02
CA ARG A 131 -1.24 22.89 -0.27
C ARG A 131 -0.12 22.41 -1.19
N ILE A 132 -0.54 22.02 -2.36
CA ILE A 132 0.41 21.63 -3.38
C ILE A 132 0.52 22.76 -4.30
N ASP A 133 1.75 22.98 -4.71
CA ASP A 133 1.95 23.93 -5.77
C ASP A 133 2.02 23.13 -7.08
N ILE A 134 0.87 23.15 -7.77
CA ILE A 134 0.60 22.59 -9.08
C ILE A 134 1.72 22.78 -10.12
N ASP A 135 2.01 24.02 -10.46
CA ASP A 135 2.88 24.24 -11.53
C ASP A 135 4.30 24.07 -11.10
N ALA A 136 4.63 24.10 -9.78
CA ALA A 136 6.03 23.79 -9.42
C ALA A 136 6.21 22.29 -9.56
N LEU A 137 5.19 21.54 -9.04
CA LEU A 137 5.03 20.09 -9.29
C LEU A 137 5.16 19.74 -10.78
N ALA A 138 4.43 20.39 -11.67
CA ALA A 138 4.55 20.13 -13.13
C ALA A 138 6.01 20.29 -13.62
N ALA A 139 6.74 21.30 -13.16
CA ALA A 139 8.10 21.65 -13.61
C ALA A 139 9.12 20.65 -13.17
N ARG A 140 8.99 20.12 -11.96
CA ARG A 140 9.86 19.03 -11.42
C ARG A 140 9.60 17.68 -12.04
N LEU A 141 8.34 17.39 -12.45
CA LEU A 141 8.01 16.09 -12.96
C LEU A 141 8.30 16.03 -14.45
N GLY A 142 8.13 17.18 -15.09
CA GLY A 142 8.26 17.26 -16.52
C GLY A 142 6.99 16.93 -17.28
N CYS A 143 5.85 17.07 -16.65
CA CYS A 143 4.63 16.74 -17.33
C CYS A 143 3.49 17.61 -16.77
N PRO A 144 2.40 17.85 -17.54
CA PRO A 144 1.33 18.76 -17.04
C PRO A 144 0.71 18.16 -15.79
N VAL A 145 0.25 18.99 -14.85
CA VAL A 145 -0.41 18.57 -13.62
C VAL A 145 -1.70 19.38 -13.59
N ILE A 146 -2.79 18.61 -13.61
CA ILE A 146 -4.11 19.13 -13.66
C ILE A 146 -4.82 18.75 -12.30
N PRO A 147 -5.25 19.74 -11.51
CA PRO A 147 -6.07 19.56 -10.29
C PRO A 147 -7.51 19.37 -10.63
N LEU A 148 -8.16 18.37 -10.10
CA LEU A 148 -9.49 18.12 -10.59
C LEU A 148 -10.43 18.76 -9.59
N ARG A 152 -16.14 21.96 -10.51
CA ARG A 152 -17.31 21.95 -11.50
C ARG A 152 -17.05 21.44 -12.99
N GLY A 153 -16.36 20.28 -13.15
CA GLY A 153 -16.08 19.73 -14.50
C GLY A 153 -15.01 20.55 -15.21
N ARG A 154 -14.62 21.61 -14.49
CA ARG A 154 -13.38 22.35 -14.72
C ARG A 154 -12.20 21.39 -14.91
N GLY A 155 -11.69 20.78 -13.81
CA GLY A 155 -10.57 19.94 -13.96
C GLY A 155 -10.66 19.04 -15.19
N ILE A 156 -11.83 18.55 -15.50
CA ILE A 156 -11.96 17.61 -16.60
C ILE A 156 -11.62 18.28 -17.93
N GLU A 157 -12.08 19.55 -18.09
CA GLU A 157 -11.88 20.23 -19.33
C GLU A 157 -10.45 20.56 -19.48
N ALA A 158 -9.86 20.98 -18.37
CA ALA A 158 -8.44 21.28 -18.31
C ALA A 158 -7.70 19.96 -18.58
N LEU A 159 -8.13 18.89 -17.95
CA LEU A 159 -7.46 17.57 -18.28
C LEU A 159 -7.44 17.16 -19.79
N LYS A 160 -8.60 17.44 -20.50
CA LYS A 160 -8.79 17.06 -21.89
C LYS A 160 -7.90 17.83 -22.77
N ILE A 161 -7.92 19.13 -22.54
CA ILE A 161 -7.04 20.03 -23.28
C ILE A 161 -5.56 19.56 -23.14
N ALA A 162 -5.16 19.22 -21.89
CA ALA A 162 -3.73 18.75 -21.70
C ALA A 162 -3.43 17.45 -22.43
N LEU A 163 -4.39 16.57 -22.53
CA LEU A 163 -4.16 15.40 -23.28
C LEU A 163 -3.74 15.72 -24.72
N ASP A 164 -4.41 16.70 -25.35
CA ASP A 164 -4.17 17.16 -26.73
C ASP A 164 -2.87 17.87 -26.88
N ARG A 165 -2.60 18.75 -25.92
CA ARG A 165 -1.40 19.59 -26.01
C ARG A 165 -0.09 18.96 -25.62
N HIS A 166 -0.13 17.89 -24.83
CA HIS A 166 1.09 17.30 -24.30
C HIS A 166 1.57 16.21 -25.25
N GLN A 167 2.85 16.26 -25.57
CA GLN A 167 3.42 15.36 -26.59
C GLN A 167 4.53 14.48 -26.04
N ALA A 168 5.35 15.06 -25.14
CA ALA A 168 6.57 14.41 -24.74
C ALA A 168 6.92 15.00 -23.40
N ASN A 169 7.16 14.14 -22.44
CA ASN A 169 7.71 14.67 -21.23
C ASN A 169 9.14 15.24 -21.52
N SER A 170 9.45 16.37 -20.85
CA SER A 170 10.79 16.88 -20.71
C SER A 170 11.69 15.83 -20.16
N ASP A 171 12.91 15.76 -20.70
CA ASP A 171 13.92 14.89 -20.07
C ASP A 171 14.66 15.62 -18.94
N LEU A 172 14.34 15.22 -17.73
CA LEU A 172 14.85 15.84 -16.53
C LEU A 172 15.94 15.07 -15.75
N GLU A 173 16.29 13.84 -16.12
CA GLU A 173 17.19 13.03 -15.28
C GLU A 173 16.82 13.25 -13.81
N LEU A 174 15.77 12.59 -13.36
CA LEU A 174 15.09 13.01 -12.15
C LEU A 174 15.74 12.48 -10.91
N VAL A 175 16.24 11.25 -11.04
CA VAL A 175 16.98 10.55 -10.02
C VAL A 175 18.44 10.70 -10.38
N HIS A 176 19.21 10.92 -9.34
CA HIS A 176 20.65 11.12 -9.37
C HIS A 176 21.31 9.85 -8.91
N TYR A 177 21.96 9.17 -9.84
CA TYR A 177 22.39 7.80 -9.53
C TYR A 177 23.91 7.85 -9.44
N PRO A 178 24.51 6.92 -8.62
CA PRO A 178 25.96 6.76 -8.84
C PRO A 178 26.23 6.42 -10.30
N GLN A 179 27.20 7.09 -10.85
CA GLN A 179 27.74 6.74 -12.14
C GLN A 179 28.07 5.24 -12.40
N PRO A 180 28.71 4.50 -11.46
CA PRO A 180 28.81 3.05 -11.58
C PRO A 180 27.51 2.42 -11.93
N LEU A 181 26.41 2.71 -11.20
CA LEU A 181 25.10 2.12 -11.40
C LEU A 181 24.62 2.29 -12.85
N LEU A 182 24.58 3.52 -13.33
CA LEU A 182 24.20 3.84 -14.71
C LEU A 182 25.04 3.16 -15.80
N ARG A 183 26.32 2.97 -15.51
CA ARG A 183 27.27 2.27 -16.39
C ARG A 183 26.77 0.84 -16.67
N GLU A 184 26.42 0.16 -15.59
CA GLU A 184 25.82 -1.23 -15.64
C GLU A 184 24.35 -1.31 -16.21
N ALA A 185 23.37 -0.60 -15.61
CA ALA A 185 22.06 -0.51 -16.17
C ALA A 185 22.23 -0.32 -17.70
N ASP A 186 23.13 0.55 -18.12
CA ASP A 186 23.41 0.71 -19.56
C ASP A 186 24.06 -0.46 -20.27
N LEU A 187 24.97 -1.13 -19.61
CA LEU A 187 25.60 -2.23 -20.27
C LEU A 187 24.59 -3.39 -20.36
N LEU A 188 23.66 -3.40 -19.39
CA LEU A 188 22.58 -4.37 -19.38
C LEU A 188 21.60 -4.09 -20.52
N ALA A 189 21.39 -2.84 -20.81
CA ALA A 189 20.37 -2.33 -21.62
C ALA A 189 20.60 -2.61 -23.12
N GLN A 190 21.85 -2.99 -23.49
CA GLN A 190 22.27 -3.29 -24.92
C GLN A 190 22.12 -4.84 -25.28
N GLN A 191 22.22 -5.65 -24.21
CA GLN A 191 21.77 -7.02 -24.20
C GLN A 191 20.24 -7.15 -24.35
N MET A 192 19.55 -6.04 -24.48
CA MET A 192 18.10 -6.05 -24.48
C MET A 192 17.52 -5.84 -25.86
N SER A 193 16.33 -6.42 -26.07
CA SER A 193 15.62 -6.38 -27.37
C SER A 193 15.55 -4.97 -27.91
N ALA A 194 15.94 -4.79 -29.19
CA ALA A 194 15.61 -3.60 -29.94
C ALA A 194 14.13 -3.16 -29.69
N GLN A 195 13.25 -4.13 -29.46
CA GLN A 195 11.77 -3.94 -29.32
C GLN A 195 11.32 -3.01 -28.24
N ILE A 196 12.16 -2.73 -27.27
CA ILE A 196 11.79 -1.76 -26.27
C ILE A 196 12.64 -0.47 -26.38
N PRO A 197 11.97 0.70 -26.35
CA PRO A 197 12.66 1.96 -26.34
C PRO A 197 13.85 2.06 -25.33
N PRO A 198 14.79 2.97 -25.64
CA PRO A 198 15.94 3.26 -24.85
C PRO A 198 15.70 3.49 -23.36
N ARG A 199 14.72 4.34 -23.00
CA ARG A 199 14.52 4.79 -21.60
C ARG A 199 14.05 3.66 -20.80
N GLN A 200 13.38 2.74 -21.46
CA GLN A 200 12.80 1.64 -20.75
C GLN A 200 13.87 0.62 -20.42
N ARG A 201 14.75 0.36 -21.40
CA ARG A 201 15.88 -0.54 -21.24
C ARG A 201 16.89 -0.10 -20.15
N ARG A 202 17.16 1.22 -20.12
CA ARG A 202 17.82 1.76 -18.95
C ARG A 202 17.04 1.38 -17.65
N TRP A 203 15.70 1.65 -17.60
CA TRP A 203 14.88 1.45 -16.38
C TRP A 203 14.91 -0.02 -15.97
N LEU A 204 14.68 -0.85 -16.95
CA LEU A 204 14.86 -2.32 -16.81
C LEU A 204 16.26 -2.74 -16.31
N GLY A 205 17.34 -2.15 -16.84
CA GLY A 205 18.65 -2.40 -16.34
C GLY A 205 18.80 -2.09 -14.88
N LEU A 206 18.26 -0.97 -14.45
CA LEU A 206 18.30 -0.54 -13.07
C LEU A 206 17.44 -1.43 -12.18
N GLN A 207 16.24 -1.77 -12.65
CA GLN A 207 15.36 -2.69 -11.91
C GLN A 207 16.04 -4.03 -11.59
N MET A 208 16.76 -4.60 -12.56
CA MET A 208 17.53 -5.83 -12.35
C MET A 208 18.61 -5.74 -11.26
N LEU A 209 19.42 -4.69 -11.29
CA LEU A 209 20.32 -4.34 -10.21
C LEU A 209 19.58 -4.06 -8.88
N GLU A 210 18.25 -3.82 -8.88
CA GLU A 210 17.54 -3.56 -7.61
C GLU A 210 17.04 -4.86 -6.95
N GLY A 211 17.17 -5.97 -7.67
CA GLY A 211 16.54 -7.24 -7.26
C GLY A 211 15.10 -7.40 -7.75
N ASP A 212 14.74 -6.71 -8.82
CA ASP A 212 13.40 -6.88 -9.36
C ASP A 212 13.54 -8.16 -10.13
N ILE A 213 12.79 -9.14 -9.65
CA ILE A 213 12.81 -10.49 -10.23
C ILE A 213 11.94 -10.51 -11.53
N TYR A 214 10.72 -10.04 -11.37
CA TYR A 214 9.75 -9.84 -12.44
C TYR A 214 10.34 -9.28 -13.78
N SER A 215 11.22 -8.28 -13.66
CA SER A 215 11.78 -7.49 -14.78
C SER A 215 12.72 -8.29 -15.70
N ARG A 216 13.27 -9.36 -15.12
CA ARG A 216 14.22 -10.30 -15.72
C ARG A 216 13.50 -10.95 -16.92
N ALA A 217 12.19 -11.10 -16.79
CA ALA A 217 11.44 -11.75 -17.84
C ALA A 217 11.20 -10.76 -18.96
N TYR A 218 11.54 -9.50 -18.76
CA TYR A 218 11.37 -8.45 -19.79
C TYR A 218 12.67 -8.08 -20.50
N ALA A 219 13.72 -8.69 -19.98
CA ALA A 219 15.07 -8.29 -20.22
C ALA A 219 15.63 -9.12 -21.32
N GLY A 220 15.05 -10.33 -21.48
CA GLY A 220 15.50 -11.36 -22.42
C GLY A 220 16.95 -11.79 -22.23
N ASP A 221 17.77 -11.66 -23.28
CA ASP A 221 19.26 -11.82 -23.29
C ASP A 221 20.01 -11.32 -22.01
N ALA A 222 19.57 -10.20 -21.41
CA ALA A 222 20.03 -9.78 -20.09
C ALA A 222 19.33 -10.33 -18.88
N ALA A 223 19.62 -11.62 -18.65
CA ALA A 223 19.24 -12.26 -17.34
C ALA A 223 20.52 -12.60 -16.54
N ASP A 224 21.40 -13.23 -17.32
CA ASP A 224 22.64 -13.89 -16.86
C ASP A 224 23.77 -12.90 -16.92
N LYS A 225 23.44 -11.68 -17.22
CA LYS A 225 24.48 -10.72 -17.08
C LYS A 225 24.40 -9.91 -15.80
N LEU A 226 23.30 -10.06 -15.06
CA LEU A 226 23.14 -9.43 -13.73
C LEU A 226 24.27 -9.85 -12.77
N ASP A 227 24.59 -11.15 -12.72
CA ASP A 227 25.69 -11.69 -11.86
C ASP A 227 27.07 -11.04 -12.15
N ILE A 228 27.38 -10.91 -13.45
CA ILE A 228 28.67 -10.31 -13.90
C ILE A 228 28.57 -8.78 -13.89
N ALA A 229 27.37 -8.15 -13.95
CA ALA A 229 27.09 -6.74 -13.65
C ALA A 229 27.26 -6.48 -12.16
N LEU A 230 26.60 -7.27 -11.33
CA LEU A 230 26.96 -7.36 -9.92
C LEU A 230 28.47 -7.66 -9.62
N ALA A 231 29.25 -7.98 -10.67
CA ALA A 231 30.73 -8.14 -10.66
C ALA A 231 31.36 -6.80 -10.56
N ASN A 232 31.05 -6.00 -11.59
CA ASN A 232 31.56 -4.63 -11.79
C ASN A 232 31.32 -3.74 -10.60
N LEU A 233 30.10 -3.79 -10.06
CA LEU A 233 29.68 -2.85 -9.01
C LEU A 233 30.38 -3.15 -7.70
N SER A 234 30.54 -4.44 -7.41
CA SER A 234 31.29 -4.86 -6.18
C SER A 234 32.63 -4.14 -6.09
N ASP A 235 33.41 -4.13 -7.18
CA ASP A 235 34.62 -3.33 -7.31
C ASP A 235 34.36 -1.82 -7.04
N GLU A 236 33.73 -1.21 -8.10
CA GLU A 236 33.31 0.13 -8.07
C GLU A 236 32.55 0.68 -6.90
N ILE A 237 31.81 -0.05 -6.14
CA ILE A 237 30.94 0.25 -5.03
C ILE A 237 30.85 -0.92 -4.04
N ASP A 238 30.03 -1.18 -2.86
CA ASP A 238 28.60 -1.09 -3.14
C ASP A 238 27.81 -0.84 -1.87
N ASP A 239 26.63 -1.52 -1.65
CA ASP A 239 25.22 -1.60 -1.52
C ASP A 239 24.24 -1.36 -2.59
N PRO A 240 24.41 -2.04 -3.84
CA PRO A 240 23.51 -1.59 -4.94
C PRO A 240 22.07 -1.46 -4.83
N ALA A 241 21.23 -2.38 -4.43
CA ALA A 241 19.72 -2.15 -4.43
C ALA A 241 19.36 -1.01 -3.44
N LEU A 242 20.28 -0.95 -2.43
CA LEU A 242 20.30 0.10 -1.45
C LEU A 242 20.38 1.56 -2.08
N HIS A 243 21.48 1.89 -2.77
CA HIS A 243 21.70 3.17 -3.49
C HIS A 243 20.59 3.68 -4.40
N ILE A 244 19.88 2.73 -5.04
CA ILE A 244 18.83 2.93 -6.04
C ILE A 244 17.51 3.31 -5.39
N ALA A 245 17.01 2.42 -4.53
CA ALA A 245 15.84 2.69 -3.69
C ALA A 245 16.06 4.01 -3.00
N ASP A 246 17.22 4.21 -2.39
CA ASP A 246 17.55 5.48 -1.79
C ASP A 246 17.48 6.71 -2.69
N ALA A 247 18.14 6.61 -3.85
CA ALA A 247 18.07 7.67 -4.87
C ALA A 247 16.62 8.00 -5.25
N ARG A 248 15.82 6.97 -5.48
CA ARG A 248 14.44 7.27 -5.74
C ARG A 248 13.75 7.87 -4.53
N TYR A 249 14.17 7.49 -3.32
CA TYR A 249 13.48 8.01 -2.18
C TYR A 249 13.87 9.49 -1.99
N GLN A 250 15.13 9.86 -2.28
CA GLN A 250 15.57 11.22 -2.08
C GLN A 250 14.91 12.12 -3.06
N THR A 251 14.70 11.62 -4.28
CA THR A 251 14.13 12.40 -5.36
C THR A 251 12.68 12.76 -5.06
N ILE A 252 11.92 11.78 -4.60
CA ILE A 252 10.55 12.12 -4.22
C ILE A 252 10.52 12.99 -2.98
N ALA A 253 11.31 12.70 -1.97
CA ALA A 253 11.24 13.48 -0.73
C ALA A 253 11.59 14.98 -1.10
N ALA A 254 12.49 15.24 -2.03
CA ALA A 254 12.90 16.62 -2.30
C ALA A 254 11.84 17.36 -3.15
N ILE A 255 11.16 16.68 -4.05
CA ILE A 255 10.09 17.35 -4.78
C ILE A 255 9.03 17.75 -3.78
N CYS A 256 8.66 16.84 -2.87
CA CYS A 256 7.63 17.13 -1.90
C CYS A 256 7.95 18.24 -0.99
N ASP A 257 9.19 18.32 -0.53
CA ASP A 257 9.54 19.41 0.28
C ASP A 257 9.63 20.70 -0.44
N ALA A 258 9.73 20.63 -1.77
CA ALA A 258 9.82 21.84 -2.55
C ALA A 258 8.36 22.37 -2.99
N VAL A 259 7.38 21.47 -3.06
CA VAL A 259 6.13 21.81 -3.67
C VAL A 259 4.91 21.69 -2.75
N SER A 260 5.10 21.18 -1.57
CA SER A 260 3.95 21.08 -0.74
C SER A 260 4.20 21.75 0.58
N MET B 1 -12.66 -30.89 21.77
CA MET B 1 -11.73 -29.78 21.52
C MET B 1 -12.62 -28.60 21.44
N GLN B 2 -12.22 -27.54 22.11
CA GLN B 2 -13.09 -26.40 22.33
C GLN B 2 -13.17 -25.74 20.99
N LYS B 3 -14.20 -24.99 20.77
CA LYS B 3 -14.27 -24.25 19.56
C LYS B 3 -13.58 -22.84 19.77
N LEU B 4 -12.93 -22.40 18.69
CA LEU B 4 -12.22 -21.12 18.61
C LEU B 4 -12.44 -20.50 17.21
N THR B 5 -12.84 -19.22 17.18
CA THR B 5 -12.91 -18.40 15.99
C THR B 5 -11.66 -17.56 15.84
N VAL B 6 -11.00 -17.75 14.72
CA VAL B 6 -9.75 -17.06 14.46
C VAL B 6 -9.96 -16.18 13.25
N GLY B 7 -9.59 -14.88 13.33
CA GLY B 7 -9.54 -14.08 12.14
C GLY B 7 -8.08 -14.11 11.57
N LEU B 8 -7.98 -14.09 10.23
CA LEU B 8 -6.72 -14.18 9.47
C LEU B 8 -6.66 -12.83 8.77
N ILE B 9 -5.74 -12.01 9.18
CA ILE B 9 -5.62 -10.60 8.76
C ILE B 9 -4.16 -10.33 8.29
N GLY B 10 -3.99 -9.63 7.16
CA GLY B 10 -2.69 -9.07 6.71
C GLY B 10 -2.72 -8.03 5.63
N ASN B 11 -1.57 -7.56 5.18
CA ASN B 11 -1.46 -6.70 3.97
C ASN B 11 -1.82 -7.52 2.71
N PRO B 12 -2.27 -6.86 1.62
CA PRO B 12 -2.37 -7.53 0.32
C PRO B 12 -1.03 -8.12 -0.14
N ASN B 13 -1.09 -9.19 -0.92
CA ASN B 13 0.13 -9.90 -1.46
C ASN B 13 1.19 -10.26 -0.43
N SER B 14 0.78 -10.69 0.74
CA SER B 14 1.69 -10.93 1.87
C SER B 14 1.49 -12.38 2.33
N GLY B 15 0.81 -13.12 1.45
CA GLY B 15 0.81 -14.56 1.45
C GLY B 15 -0.29 -15.05 2.39
N LYS B 16 -1.31 -14.18 2.68
CA LYS B 16 -2.48 -14.50 3.61
C LYS B 16 -3.28 -15.68 3.10
N THR B 17 -3.59 -15.66 1.82
CA THR B 17 -4.42 -16.65 1.18
C THR B 17 -3.74 -18.05 1.14
N THR B 18 -2.39 -18.02 1.06
CA THR B 18 -1.60 -19.22 0.92
C THR B 18 -1.59 -19.98 2.26
N LEU B 19 -1.42 -19.24 3.37
CA LEU B 19 -1.55 -19.84 4.68
C LEU B 19 -2.99 -20.28 4.90
N PHE B 20 -3.94 -19.45 4.51
CA PHE B 20 -5.33 -19.83 4.66
C PHE B 20 -5.51 -21.19 4.06
N ASN B 21 -5.09 -21.40 2.80
CA ASN B 21 -5.09 -22.77 2.18
C ASN B 21 -4.22 -23.76 2.87
N GLN B 22 -3.09 -23.38 3.45
CA GLN B 22 -2.27 -24.42 4.08
C GLN B 22 -3.01 -24.94 5.31
N LEU B 23 -3.42 -24.10 6.27
CA LEU B 23 -4.25 -24.52 7.42
C LEU B 23 -5.56 -25.30 7.11
N THR B 24 -6.39 -24.77 6.21
CA THR B 24 -7.70 -25.38 5.96
C THR B 24 -7.75 -26.50 4.88
N GLY B 25 -6.79 -26.53 3.92
CA GLY B 25 -6.84 -27.59 2.90
C GLY B 25 -8.21 -27.49 2.21
N ALA B 26 -9.00 -28.57 2.24
CA ALA B 26 -10.24 -28.67 1.54
C ALA B 26 -11.45 -28.25 2.34
N ARG B 27 -11.32 -28.13 3.64
CA ARG B 27 -12.44 -27.70 4.51
C ARG B 27 -12.61 -26.19 4.57
N GLN B 28 -12.81 -25.57 3.42
CA GLN B 28 -13.17 -24.14 3.32
C GLN B 28 -14.39 -24.08 2.51
N ARG B 29 -15.17 -23.05 2.74
CA ARG B 29 -16.26 -22.66 1.87
C ARG B 29 -16.16 -21.13 1.66
N VAL B 30 -16.61 -20.69 0.50
CA VAL B 30 -16.77 -19.32 0.14
C VAL B 30 -18.20 -18.79 0.39
N GLY B 31 -18.31 -17.62 1.01
CA GLY B 31 -19.57 -16.93 1.13
C GLY B 31 -19.33 -15.46 0.76
N ASN B 32 -20.27 -14.62 1.11
CA ASN B 32 -20.23 -13.17 0.93
C ASN B 32 -20.30 -12.51 2.26
N TRP B 33 -19.72 -11.33 2.32
CA TRP B 33 -19.86 -10.49 3.48
C TRP B 33 -21.20 -9.79 3.46
N ALA B 34 -21.91 -9.85 4.58
CA ALA B 34 -23.31 -9.46 4.70
C ALA B 34 -23.53 -8.15 3.95
N GLY B 35 -24.50 -8.18 3.03
CA GLY B 35 -24.90 -6.97 2.37
C GLY B 35 -24.10 -6.59 1.14
N VAL B 36 -22.95 -7.25 0.88
CA VAL B 36 -22.11 -6.92 -0.33
C VAL B 36 -21.80 -8.11 -1.20
N THR B 37 -21.07 -7.87 -2.32
CA THR B 37 -20.71 -8.94 -3.21
C THR B 37 -19.37 -9.50 -2.75
N VAL B 38 -18.59 -8.77 -1.98
CA VAL B 38 -17.22 -9.14 -1.73
C VAL B 38 -17.33 -10.43 -0.98
N GLU B 39 -16.39 -11.29 -1.27
CA GLU B 39 -16.40 -12.66 -0.82
C GLU B 39 -15.65 -12.90 0.49
N ARG B 40 -16.22 -13.72 1.37
CA ARG B 40 -15.63 -14.16 2.69
C ARG B 40 -15.37 -15.69 2.70
N LYS B 41 -14.13 -16.12 2.64
CA LYS B 41 -13.75 -17.52 2.79
C LYS B 41 -13.76 -17.92 4.27
N GLU B 42 -14.35 -19.06 4.54
CA GLU B 42 -14.26 -19.63 5.82
C GLU B 42 -13.76 -21.12 5.75
N GLY B 43 -12.90 -21.53 6.67
CA GLY B 43 -12.51 -22.96 6.79
C GLY B 43 -12.29 -23.51 8.19
N ILE B 44 -12.04 -24.81 8.29
CA ILE B 44 -11.73 -25.47 9.57
C ILE B 44 -10.41 -26.16 9.56
N PHE B 45 -9.79 -26.15 10.73
CA PHE B 45 -8.66 -27.02 11.05
C PHE B 45 -8.59 -27.29 12.55
N ALA B 46 -7.70 -28.12 13.00
CA ALA B 46 -7.77 -28.69 14.33
C ALA B 46 -6.43 -28.38 14.87
N THR B 47 -6.40 -28.07 16.16
CA THR B 47 -5.14 -28.01 16.89
C THR B 47 -5.17 -29.06 18.07
N THR B 48 -4.16 -29.12 18.93
CA THR B 48 -4.26 -29.92 20.20
C THR B 48 -5.47 -29.60 21.09
N ASP B 49 -5.72 -28.35 21.32
CA ASP B 49 -6.82 -27.91 22.14
C ASP B 49 -8.09 -27.46 21.45
N HIS B 50 -8.08 -26.97 20.21
CA HIS B 50 -9.28 -26.47 19.55
C HIS B 50 -9.54 -27.01 18.21
N GLN B 51 -10.80 -26.85 17.86
CA GLN B 51 -11.32 -27.05 16.54
C GLN B 51 -11.60 -25.66 16.13
N VAL B 52 -10.83 -25.19 15.13
CA VAL B 52 -10.72 -23.75 14.83
C VAL B 52 -11.63 -23.38 13.68
N THR B 53 -12.35 -22.27 13.76
CA THR B 53 -13.04 -21.74 12.59
C THR B 53 -12.27 -20.53 12.12
N LEU B 54 -11.68 -20.62 10.90
CA LEU B 54 -10.86 -19.55 10.39
C LEU B 54 -11.55 -18.68 9.30
N VAL B 55 -11.66 -17.37 9.60
CA VAL B 55 -12.22 -16.39 8.69
C VAL B 55 -11.12 -15.59 7.99
N ASP B 56 -11.16 -15.60 6.65
CA ASP B 56 -10.19 -14.81 5.97
C ASP B 56 -10.66 -13.38 5.82
N LEU B 57 -9.89 -12.42 6.36
CA LEU B 57 -10.28 -11.03 6.20
C LEU B 57 -9.71 -10.30 4.96
N PRO B 58 -10.46 -9.37 4.36
CA PRO B 58 -9.77 -8.84 3.19
C PRO B 58 -8.41 -8.23 3.47
N GLY B 59 -7.54 -8.38 2.50
CA GLY B 59 -6.23 -7.80 2.60
C GLY B 59 -6.28 -6.32 2.86
N THR B 60 -5.43 -5.80 3.74
CA THR B 60 -5.59 -4.39 4.24
C THR B 60 -4.29 -3.87 4.81
N TYR B 61 -3.89 -2.67 4.37
CA TYR B 61 -2.73 -1.95 4.94
C TYR B 61 -3.02 -1.30 6.28
N SER B 62 -4.28 -1.02 6.59
CA SER B 62 -4.62 -0.32 7.83
C SER B 62 -6.13 -0.44 8.11
N LEU B 63 -6.46 -0.52 9.41
CA LEU B 63 -7.86 -0.64 9.87
C LEU B 63 -8.69 0.63 9.62
N THR B 64 -7.94 1.73 9.45
CA THR B 64 -8.40 3.06 9.13
C THR B 64 -7.89 3.59 7.72
N THR B 70 -11.72 4.71 3.75
CA THR B 70 -12.03 4.79 2.26
C THR B 70 -12.73 3.46 1.97
N SER B 71 -11.97 2.44 1.52
CA SER B 71 -12.50 1.21 0.84
C SER B 71 -13.30 0.12 1.61
N LEU B 72 -14.11 -0.60 0.87
CA LEU B 72 -15.03 -1.52 1.49
C LEU B 72 -14.29 -2.59 2.28
N ASP B 73 -13.26 -3.19 1.68
CA ASP B 73 -12.36 -4.11 2.38
C ASP B 73 -11.75 -3.65 3.69
N GLU B 74 -11.38 -2.36 3.81
CA GLU B 74 -10.95 -1.80 5.08
C GLU B 74 -12.15 -1.80 6.05
N GLN B 75 -13.28 -1.21 5.61
CA GLN B 75 -14.50 -1.16 6.36
C GLN B 75 -14.80 -2.56 6.97
N ILE B 76 -14.66 -3.61 6.15
CA ILE B 76 -15.03 -4.96 6.50
C ILE B 76 -14.09 -5.51 7.55
N ALA B 77 -12.80 -5.45 7.26
CA ALA B 77 -11.80 -5.97 8.19
C ALA B 77 -11.89 -5.39 9.65
N CYS B 78 -12.01 -4.10 9.73
CA CYS B 78 -12.32 -3.29 10.91
C CYS B 78 -13.59 -3.71 11.58
N HIS B 79 -14.67 -3.72 10.80
CA HIS B 79 -15.96 -3.96 11.31
C HIS B 79 -15.99 -5.29 12.00
N TYR B 80 -15.45 -6.29 11.33
CA TYR B 80 -15.27 -7.68 11.87
C TYR B 80 -14.35 -7.76 13.12
N ILE B 81 -13.25 -7.00 13.09
CA ILE B 81 -12.30 -7.03 14.16
C ILE B 81 -12.82 -6.24 15.36
N LEU B 82 -13.55 -5.16 15.14
CA LEU B 82 -14.16 -4.46 16.22
C LEU B 82 -15.39 -5.25 16.85
N SER B 83 -16.00 -6.18 16.13
CA SER B 83 -17.24 -6.85 16.55
C SER B 83 -17.08 -7.91 17.68
N GLY B 84 -15.87 -8.44 17.80
CA GLY B 84 -15.60 -9.51 18.78
C GLY B 84 -16.02 -10.93 18.31
N ASP B 85 -16.47 -11.10 17.09
CA ASP B 85 -16.76 -12.42 16.59
C ASP B 85 -15.54 -13.36 16.72
N ALA B 86 -14.31 -12.88 16.53
CA ALA B 86 -13.19 -13.73 16.65
C ALA B 86 -12.66 -13.66 18.05
N ASP B 87 -12.33 -14.83 18.60
CA ASP B 87 -11.61 -14.90 19.83
C ASP B 87 -10.13 -14.51 19.73
N MET B 88 -9.46 -14.66 18.55
CA MET B 88 -8.10 -14.34 18.33
C MET B 88 -7.83 -14.02 16.83
N LEU B 89 -6.72 -13.35 16.55
CA LEU B 89 -6.19 -13.08 15.27
C LEU B 89 -4.87 -13.71 14.95
N ILE B 90 -4.74 -14.19 13.73
CA ILE B 90 -3.42 -14.47 13.08
C ILE B 90 -3.10 -13.30 12.15
N ASN B 91 -2.05 -12.55 12.48
CA ASN B 91 -1.58 -11.44 11.67
C ASN B 91 -0.45 -11.99 10.76
N VAL B 92 -0.68 -12.06 9.47
CA VAL B 92 0.36 -12.51 8.55
C VAL B 92 1.18 -11.34 8.20
N VAL B 93 2.47 -11.38 8.54
CA VAL B 93 3.38 -10.24 8.36
C VAL B 93 4.50 -10.59 7.39
N ASP B 94 4.74 -9.72 6.43
CA ASP B 94 5.77 -10.01 5.40
C ASP B 94 7.13 -9.61 5.95
N ALA B 95 7.99 -10.60 6.14
CA ALA B 95 9.30 -10.30 6.79
C ALA B 95 10.10 -9.33 5.90
N SER B 96 9.76 -9.30 4.60
CA SER B 96 10.68 -8.58 3.69
C SER B 96 10.32 -7.09 3.59
N ASN B 97 9.14 -6.72 4.11
CA ASN B 97 8.55 -5.36 4.19
C ASN B 97 7.98 -5.11 5.59
N LEU B 98 8.73 -5.64 6.56
CA LEU B 98 8.49 -5.52 7.95
C LEU B 98 7.84 -4.24 8.44
N GLU B 99 8.47 -3.12 8.11
CA GLU B 99 8.09 -1.81 8.62
C GLU B 99 6.69 -1.40 8.22
N ARG B 100 6.37 -1.62 6.96
CA ARG B 100 5.04 -1.35 6.36
C ARG B 100 3.96 -2.35 6.87
N ASN B 101 4.37 -3.57 7.23
CA ASN B 101 3.43 -4.51 7.73
C ASN B 101 3.05 -4.23 9.19
N LEU B 102 3.93 -3.49 9.86
CA LEU B 102 3.94 -3.56 11.28
C LEU B 102 2.95 -2.47 11.71
N TYR B 103 2.61 -1.75 10.71
CA TYR B 103 1.69 -0.63 10.89
C TYR B 103 0.26 -1.12 11.06
N LEU B 104 -0.28 -2.15 10.32
CA LEU B 104 -1.48 -2.87 10.66
C LEU B 104 -1.34 -3.56 12.07
N THR B 105 -0.21 -4.22 12.29
CA THR B 105 0.09 -4.93 13.51
C THR B 105 -0.04 -4.10 14.78
N LEU B 106 0.55 -2.91 14.76
CA LEU B 106 0.40 -2.07 15.92
C LEU B 106 -1.05 -1.70 16.24
N GLN B 107 -1.80 -1.42 15.21
CA GLN B 107 -3.24 -1.27 15.29
C GLN B 107 -3.89 -2.42 16.15
N LEU B 108 -3.78 -3.64 15.67
CA LEU B 108 -4.27 -4.75 16.41
C LEU B 108 -3.85 -4.78 17.83
N LEU B 109 -2.62 -4.40 18.09
CA LEU B 109 -1.99 -4.55 19.36
C LEU B 109 -2.49 -3.46 20.34
N GLU B 110 -2.50 -2.22 19.84
CA GLU B 110 -3.18 -1.20 20.53
C GLU B 110 -4.64 -1.50 20.83
N LEU B 111 -5.37 -2.20 19.97
CA LEU B 111 -6.77 -2.61 20.29
C LEU B 111 -6.80 -3.66 21.36
N GLY B 112 -5.69 -4.38 21.46
CA GLY B 112 -5.68 -5.43 22.42
C GLY B 112 -6.16 -6.79 22.00
N ILE B 113 -6.55 -7.06 20.75
CA ILE B 113 -7.05 -8.45 20.38
C ILE B 113 -5.90 -9.48 20.59
N PRO B 114 -6.20 -10.71 21.09
CA PRO B 114 -5.05 -11.59 21.23
C PRO B 114 -4.54 -11.99 19.84
N CYS B 115 -3.22 -11.97 19.67
CA CYS B 115 -2.54 -11.99 18.37
C CYS B 115 -1.39 -13.00 18.38
N VAL B 116 -1.23 -13.62 17.24
CA VAL B 116 -0.11 -14.43 16.90
C VAL B 116 0.25 -13.99 15.46
N VAL B 117 1.44 -13.42 15.33
CA VAL B 117 2.02 -12.97 14.09
C VAL B 117 2.62 -14.13 13.33
N ALA B 118 2.13 -14.31 12.12
CA ALA B 118 2.72 -15.35 11.26
C ALA B 118 3.72 -14.61 10.39
N LEU B 119 5.02 -14.74 10.68
CA LEU B 119 6.08 -14.02 9.93
C LEU B 119 6.48 -14.87 8.74
N ASN B 120 6.15 -14.41 7.56
CA ASN B 120 6.58 -15.22 6.50
C ASN B 120 7.57 -14.50 5.59
N MET B 121 7.74 -15.15 4.40
CA MET B 121 8.58 -14.76 3.29
C MET B 121 9.92 -14.52 3.85
N LEU B 122 10.34 -15.53 4.60
CA LEU B 122 11.62 -15.52 5.26
C LEU B 122 12.82 -15.64 4.34
N ASP B 123 12.73 -16.40 3.25
CA ASP B 123 13.88 -16.47 2.27
C ASP B 123 14.03 -15.21 1.39
N ILE B 124 12.88 -14.58 1.01
CA ILE B 124 12.93 -13.26 0.34
C ILE B 124 13.68 -12.25 1.20
N ALA B 125 13.37 -12.16 2.51
CA ALA B 125 14.22 -11.44 3.48
C ALA B 125 15.73 -11.80 3.45
N GLU B 126 16.20 -13.13 3.59
CA GLU B 126 17.67 -13.38 3.45
C GLU B 126 18.17 -12.93 2.07
N LYS B 127 17.67 -13.48 0.97
CA LYS B 127 18.04 -12.90 -0.39
C LYS B 127 18.34 -11.43 -0.30
N GLN B 128 17.53 -10.69 0.41
CA GLN B 128 17.67 -9.24 0.44
C GLN B 128 18.41 -8.85 1.66
N GLN B 129 19.31 -9.73 2.11
CA GLN B 129 20.12 -9.56 3.35
C GLN B 129 19.41 -9.05 4.65
N VAL B 130 18.11 -9.26 4.82
CA VAL B 130 17.41 -8.71 6.03
C VAL B 130 17.25 -9.77 7.09
N ARG B 131 18.03 -9.69 8.15
CA ARG B 131 17.81 -10.66 9.26
C ARG B 131 16.94 -10.05 10.34
N ILE B 132 16.06 -10.80 10.97
CA ILE B 132 15.07 -10.33 11.96
C ILE B 132 15.18 -11.31 13.13
N ASP B 133 15.30 -10.71 14.32
CA ASP B 133 15.40 -11.44 15.51
C ASP B 133 13.96 -11.69 15.99
N ILE B 134 13.49 -12.87 15.66
CA ILE B 134 12.11 -13.40 15.92
C ILE B 134 11.58 -13.11 17.32
N ASP B 135 12.36 -13.45 18.35
CA ASP B 135 11.95 -13.38 19.77
C ASP B 135 12.14 -12.01 20.30
N ALA B 136 12.97 -11.21 19.61
CA ALA B 136 13.17 -9.87 20.06
C ALA B 136 11.97 -9.12 19.51
N LEU B 137 11.54 -9.50 18.33
CA LEU B 137 10.25 -8.94 17.78
C LEU B 137 9.07 -9.24 18.70
N ALA B 138 8.85 -10.50 19.03
CA ALA B 138 7.86 -11.00 20.07
C ALA B 138 7.80 -10.22 21.37
N ALA B 139 8.96 -9.97 21.95
CA ALA B 139 9.09 -9.29 23.20
C ALA B 139 8.74 -7.89 23.09
N ARG B 140 9.14 -7.24 22.00
CA ARG B 140 8.70 -5.81 21.65
C ARG B 140 7.20 -5.71 21.38
N LEU B 141 6.55 -6.74 20.81
CA LEU B 141 5.19 -6.58 20.31
C LEU B 141 4.23 -6.96 21.43
N GLY B 142 4.70 -7.81 22.34
CA GLY B 142 3.84 -8.20 23.46
C GLY B 142 3.02 -9.43 23.06
N CYS B 143 3.37 -10.06 21.91
CA CYS B 143 2.63 -11.21 21.37
C CYS B 143 3.59 -12.20 20.65
N PRO B 144 3.20 -13.47 20.50
CA PRO B 144 4.16 -14.44 19.92
C PRO B 144 4.35 -14.27 18.40
N VAL B 145 5.51 -14.70 17.91
CA VAL B 145 5.98 -14.46 16.52
C VAL B 145 6.48 -15.77 15.95
N ILE B 146 5.74 -16.30 14.97
CA ILE B 146 5.96 -17.63 14.36
C ILE B 146 6.42 -17.45 12.91
N PRO B 147 7.69 -17.80 12.63
CA PRO B 147 8.32 -17.81 11.33
C PRO B 147 7.83 -18.99 10.50
N LEU B 148 7.26 -18.75 9.36
CA LEU B 148 6.52 -19.83 8.83
C LEU B 148 7.52 -20.73 8.10
N ARG B 152 9.33 -27.83 6.62
CA ARG B 152 8.10 -28.49 6.03
C ARG B 152 6.88 -28.68 7.01
N GLY B 153 6.12 -27.61 7.20
CA GLY B 153 4.97 -27.61 8.09
C GLY B 153 5.44 -27.34 9.51
N ARG B 154 6.69 -26.88 9.57
CA ARG B 154 7.33 -26.65 10.82
C ARG B 154 6.66 -25.45 11.43
N GLY B 155 6.59 -24.40 10.64
CA GLY B 155 5.89 -23.21 10.99
C GLY B 155 4.44 -23.43 11.37
N ILE B 156 3.67 -24.26 10.65
CA ILE B 156 2.21 -24.47 10.84
C ILE B 156 1.91 -24.98 12.29
N GLU B 157 2.61 -26.04 12.70
CA GLU B 157 2.58 -26.69 14.00
C GLU B 157 2.99 -25.85 15.10
N ALA B 158 4.08 -25.14 14.93
CA ALA B 158 4.46 -24.01 15.82
C ALA B 158 3.31 -22.95 15.83
N LEU B 159 2.81 -22.60 14.65
CA LEU B 159 1.73 -21.67 14.60
C LEU B 159 0.54 -22.11 15.51
N LYS B 160 0.13 -23.40 15.32
CA LYS B 160 -1.04 -24.04 15.95
C LYS B 160 -0.86 -24.14 17.48
N ILE B 161 0.37 -24.45 17.89
CA ILE B 161 0.72 -24.42 19.31
C ILE B 161 0.45 -23.03 19.96
N ALA B 162 1.04 -21.99 19.32
CA ALA B 162 0.89 -20.58 19.74
C ALA B 162 -0.57 -20.27 19.93
N LEU B 163 -1.43 -20.86 19.07
CA LEU B 163 -2.85 -20.48 19.12
C LEU B 163 -3.58 -21.03 20.34
N ASP B 164 -3.23 -22.25 20.72
CA ASP B 164 -3.72 -22.81 21.93
C ASP B 164 -3.08 -22.23 23.18
N ARG B 165 -1.83 -21.79 23.09
CA ARG B 165 -1.23 -21.29 24.29
C ARG B 165 -1.37 -19.80 24.58
N HIS B 166 -1.65 -18.94 23.57
CA HIS B 166 -1.73 -17.47 23.81
C HIS B 166 -3.13 -17.12 24.29
N GLN B 167 -3.28 -16.28 25.29
CA GLN B 167 -4.61 -15.92 25.81
C GLN B 167 -4.85 -14.39 25.72
N ALA B 168 -3.86 -13.61 26.18
CA ALA B 168 -3.86 -12.19 26.21
C ALA B 168 -2.46 -11.76 25.75
N ASN B 169 -2.32 -10.73 24.91
CA ASN B 169 -1.00 -10.06 24.73
C ASN B 169 -0.43 -9.42 26.03
N SER B 170 0.86 -9.09 26.05
CA SER B 170 1.30 -8.23 27.15
C SER B 170 0.76 -6.84 26.89
N ASP B 171 0.27 -6.20 27.94
CA ASP B 171 -0.07 -4.83 27.79
C ASP B 171 1.18 -3.97 27.94
N LEU B 172 1.70 -3.42 26.83
CA LEU B 172 3.01 -2.76 26.88
C LEU B 172 3.08 -1.27 26.58
N GLU B 173 1.97 -0.55 26.42
CA GLU B 173 2.05 0.88 26.12
C GLU B 173 3.08 1.12 25.00
N LEU B 174 2.82 0.54 23.85
CA LEU B 174 3.66 0.63 22.65
C LEU B 174 4.08 2.00 22.18
N VAL B 175 3.10 2.84 21.85
CA VAL B 175 3.35 4.18 21.36
C VAL B 175 3.44 5.14 22.53
N HIS B 176 4.24 6.17 22.31
CA HIS B 176 4.39 7.19 23.33
C HIS B 176 3.95 8.56 22.83
N TYR B 177 2.63 8.76 23.33
CA TYR B 177 1.78 9.87 23.08
C TYR B 177 2.00 10.85 24.22
N PRO B 178 1.90 12.19 23.95
CA PRO B 178 1.85 13.24 25.00
C PRO B 178 0.62 13.07 25.91
N GLN B 179 0.76 13.41 27.19
CA GLN B 179 -0.26 13.28 28.18
C GLN B 179 -1.67 13.76 27.75
N PRO B 180 -1.44 15.10 27.26
CA PRO B 180 -2.69 15.77 26.76
C PRO B 180 -3.54 14.99 25.77
N LEU B 181 -2.91 14.36 24.74
CA LEU B 181 -3.64 13.55 23.77
C LEU B 181 -4.26 12.36 24.47
N LEU B 182 -3.48 11.65 25.29
CA LEU B 182 -4.03 10.52 26.06
C LEU B 182 -5.20 10.89 27.03
N ARG B 183 -4.92 11.71 28.05
CA ARG B 183 -5.97 12.25 28.89
C ARG B 183 -7.29 12.43 28.07
N GLU B 184 -7.32 13.35 27.09
CA GLU B 184 -8.50 13.61 26.23
C GLU B 184 -9.00 12.35 25.53
N ALA B 185 -8.08 11.46 25.09
CA ALA B 185 -8.42 10.18 24.49
C ALA B 185 -9.12 9.27 25.50
N ASP B 186 -8.62 9.32 26.74
CA ASP B 186 -9.17 8.61 27.87
C ASP B 186 -10.50 9.17 28.45
N LEU B 187 -10.74 10.46 28.26
CA LEU B 187 -12.02 11.05 28.46
C LEU B 187 -13.03 10.75 27.35
N LEU B 188 -12.63 10.69 26.07
CA LEU B 188 -13.54 10.07 25.04
C LEU B 188 -13.85 8.57 25.35
N ALA B 189 -12.84 7.76 25.68
CA ALA B 189 -13.07 6.39 26.14
C ALA B 189 -14.09 6.12 27.35
N GLN B 190 -14.12 6.96 28.41
CA GLN B 190 -15.10 7.06 29.53
C GLN B 190 -16.52 7.19 28.99
N GLN B 191 -16.78 7.86 27.86
CA GLN B 191 -18.11 8.16 27.26
C GLN B 191 -18.58 7.02 26.37
N MET B 192 -18.14 5.82 26.35
CA MET B 192 -18.64 4.92 25.36
C MET B 192 -19.13 3.69 26.13
N SER B 193 -19.88 2.87 25.44
CA SER B 193 -20.47 1.65 26.07
C SER B 193 -19.40 0.80 26.75
N ALA B 194 -19.81 0.20 27.85
CA ALA B 194 -19.03 -0.87 28.51
C ALA B 194 -19.06 -2.18 27.70
N GLN B 195 -19.90 -2.19 26.71
CA GLN B 195 -19.96 -3.29 25.71
C GLN B 195 -18.73 -3.28 24.81
N ILE B 196 -18.02 -2.09 24.54
CA ILE B 196 -16.68 -2.07 23.89
C ILE B 196 -15.58 -2.22 24.92
N PRO B 197 -14.77 -3.25 24.77
CA PRO B 197 -13.57 -3.45 25.61
C PRO B 197 -12.72 -2.20 25.82
N PRO B 198 -12.03 -2.14 26.95
CA PRO B 198 -11.47 -0.83 27.35
C PRO B 198 -10.27 -0.38 26.48
N ARG B 199 -9.40 -1.35 26.08
CA ARG B 199 -8.30 -1.01 25.11
C ARG B 199 -8.81 -0.45 23.79
N GLN B 200 -10.01 -0.89 23.36
CA GLN B 200 -10.66 -0.38 22.17
C GLN B 200 -11.21 1.03 22.25
N ARG B 201 -12.00 1.30 23.32
CA ARG B 201 -12.39 2.70 23.66
C ARG B 201 -11.19 3.66 23.56
N ARG B 202 -10.12 3.35 24.31
CA ARG B 202 -8.97 4.22 24.21
C ARG B 202 -8.54 4.41 22.73
N TRP B 203 -8.32 3.33 22.03
CA TRP B 203 -7.83 3.42 20.69
C TRP B 203 -8.84 4.14 19.84
N LEU B 204 -10.13 3.83 19.98
CA LEU B 204 -11.18 4.63 19.27
C LEU B 204 -11.21 6.12 19.59
N GLY B 205 -11.17 6.45 20.88
CA GLY B 205 -10.75 7.80 21.32
C GLY B 205 -9.58 8.38 20.54
N LEU B 206 -8.45 7.69 20.47
CA LEU B 206 -7.28 8.15 19.65
C LEU B 206 -7.52 8.30 18.10
N GLN B 207 -8.26 7.40 17.51
CA GLN B 207 -8.70 7.48 16.11
C GLN B 207 -9.62 8.69 15.77
N MET B 208 -10.49 9.04 16.72
CA MET B 208 -11.29 10.25 16.58
C MET B 208 -10.47 11.56 16.61
N LEU B 209 -9.47 11.62 17.48
CA LEU B 209 -8.48 12.69 17.53
C LEU B 209 -7.57 12.77 16.30
N GLU B 210 -7.11 11.62 15.77
CA GLU B 210 -6.24 11.56 14.58
C GLU B 210 -6.94 12.13 13.32
N GLY B 211 -8.27 12.08 13.27
CA GLY B 211 -8.96 12.63 12.08
C GLY B 211 -9.65 11.56 11.26
N ASP B 212 -9.64 10.36 11.80
CA ASP B 212 -10.42 9.25 11.28
C ASP B 212 -11.91 9.58 11.40
N ILE B 213 -12.47 9.76 10.20
CA ILE B 213 -13.93 10.09 10.09
C ILE B 213 -14.79 8.86 10.34
N TYR B 214 -14.31 7.68 9.90
CA TYR B 214 -15.18 6.49 9.98
C TYR B 214 -15.17 5.89 11.38
N SER B 215 -14.23 6.22 12.29
CA SER B 215 -14.17 5.88 13.74
C SER B 215 -15.29 6.42 14.64
N ARG B 216 -15.91 7.50 14.20
CA ARG B 216 -16.95 8.10 15.08
C ARG B 216 -18.06 7.08 15.36
N ALA B 217 -18.43 6.34 14.28
CA ALA B 217 -19.68 5.53 14.28
C ALA B 217 -19.51 4.20 15.04
N TYR B 218 -18.56 4.23 15.98
CA TYR B 218 -18.12 3.10 16.77
C TYR B 218 -17.99 3.68 18.15
N ALA B 219 -17.73 4.99 18.18
CA ALA B 219 -17.50 5.78 19.40
C ALA B 219 -18.76 6.05 20.26
N GLY B 220 -19.88 6.37 19.59
CA GLY B 220 -21.18 6.66 20.28
C GLY B 220 -21.55 8.13 20.29
N ASP B 221 -22.00 8.66 21.45
CA ASP B 221 -22.35 10.09 21.57
C ASP B 221 -21.03 10.89 21.64
N ALA B 222 -20.08 10.21 22.30
CA ALA B 222 -18.68 10.63 22.15
C ALA B 222 -18.21 10.41 20.69
N ALA B 223 -18.56 11.42 19.95
CA ALA B 223 -18.27 11.74 18.56
C ALA B 223 -18.27 13.29 18.42
N ASP B 224 -19.38 13.71 19.07
CA ASP B 224 -19.94 15.02 19.18
C ASP B 224 -19.29 15.81 20.30
N LYS B 225 -19.03 15.08 21.44
CA LYS B 225 -18.14 15.61 22.50
C LYS B 225 -16.68 15.62 22.04
N LEU B 226 -16.36 15.22 20.81
CA LEU B 226 -15.02 15.27 20.21
C LEU B 226 -14.59 16.73 20.05
N ASP B 227 -15.35 17.48 19.24
CA ASP B 227 -15.48 18.95 19.37
C ASP B 227 -14.91 19.63 20.66
N ILE B 228 -15.45 19.24 21.82
CA ILE B 228 -15.03 19.69 23.18
C ILE B 228 -13.53 19.37 23.46
N ALA B 229 -13.14 18.10 23.25
CA ALA B 229 -11.74 17.61 23.38
C ALA B 229 -10.67 18.35 22.51
N LEU B 230 -11.01 18.67 21.27
CA LEU B 230 -10.14 19.51 20.44
C LEU B 230 -9.94 20.91 21.06
N ALA B 231 -10.93 21.38 21.82
CA ALA B 231 -10.81 22.69 22.48
C ALA B 231 -10.03 22.58 23.79
N ASN B 232 -10.17 21.43 24.46
CA ASN B 232 -9.39 21.12 25.68
C ASN B 232 -7.88 20.90 25.39
N LEU B 233 -7.59 20.46 24.15
CA LEU B 233 -6.21 20.19 23.71
C LEU B 233 -5.63 21.44 23.06
N SER B 234 -6.50 22.34 22.56
CA SER B 234 -6.05 23.58 21.85
C SER B 234 -4.92 24.35 22.54
N ASP B 235 -5.09 24.64 23.83
CA ASP B 235 -4.08 25.38 24.60
C ASP B 235 -2.88 24.53 25.10
N GLU B 236 -3.02 23.16 25.12
CA GLU B 236 -1.90 22.35 25.60
C GLU B 236 -0.92 22.03 24.48
N ILE B 237 -1.31 21.61 23.60
CA ILE B 237 -0.46 21.62 22.33
C ILE B 237 -1.49 21.64 21.18
N ASP B 238 -0.98 21.88 19.88
CA ASP B 238 -2.00 21.30 18.98
C ASP B 238 -1.47 20.38 17.93
N ASP B 239 -2.15 20.10 16.84
CA ASP B 239 -1.86 19.19 15.73
C ASP B 239 -1.89 17.73 16.25
N PRO B 240 -3.21 17.51 16.81
CA PRO B 240 -3.17 16.09 17.36
C PRO B 240 -2.79 15.07 16.34
N ALA B 241 -3.41 15.05 15.21
CA ALA B 241 -3.11 14.10 14.13
C ALA B 241 -1.67 13.85 13.82
N LEU B 242 -0.88 14.87 13.61
CA LEU B 242 0.53 14.68 13.25
C LEU B 242 1.26 14.03 14.44
N HIS B 243 0.80 14.28 15.70
CA HIS B 243 1.43 13.78 16.89
C HIS B 243 1.16 12.31 17.06
N ILE B 244 -0.04 11.94 16.66
CA ILE B 244 -0.45 10.55 16.59
C ILE B 244 0.23 9.81 15.43
N ALA B 245 0.21 10.35 14.20
CA ALA B 245 0.92 9.75 13.06
C ALA B 245 2.42 9.52 13.38
N ASP B 246 3.10 10.58 13.88
CA ASP B 246 4.54 10.53 14.23
C ASP B 246 5.00 9.51 15.30
N ALA B 247 4.27 9.51 16.44
CA ALA B 247 4.40 8.53 17.52
C ALA B 247 4.20 7.06 17.07
N ARG B 248 3.10 6.81 16.35
CA ARG B 248 2.94 5.51 15.71
C ARG B 248 4.06 5.17 14.76
N TYR B 249 4.45 6.12 13.91
CA TYR B 249 5.57 5.90 13.02
C TYR B 249 6.92 5.79 13.83
N GLN B 250 7.07 6.47 14.95
CA GLN B 250 8.32 6.31 15.69
C GLN B 250 8.46 4.96 16.36
N THR B 251 7.31 4.40 16.71
CA THR B 251 7.27 3.14 17.47
C THR B 251 7.67 2.07 16.52
N ILE B 252 7.21 2.12 15.32
CA ILE B 252 7.55 1.07 14.37
C ILE B 252 8.99 1.19 13.96
N ALA B 253 9.47 2.40 13.66
CA ALA B 253 10.87 2.51 13.24
C ALA B 253 11.82 2.03 14.34
N ALA B 254 11.45 2.19 15.62
CA ALA B 254 12.37 1.88 16.72
C ALA B 254 12.38 0.39 16.97
N ILE B 255 11.25 -0.23 16.88
CA ILE B 255 11.16 -1.70 16.89
C ILE B 255 11.97 -2.22 15.73
N CYS B 256 11.94 -1.55 14.56
CA CYS B 256 12.57 -2.17 13.42
C CYS B 256 14.07 -2.03 13.45
N ASP B 257 14.57 -0.89 13.95
CA ASP B 257 15.97 -0.77 14.25
C ASP B 257 16.55 -1.79 15.28
N ALA B 258 15.81 -2.04 16.37
CA ALA B 258 16.21 -2.99 17.37
C ALA B 258 16.17 -4.52 16.85
N VAL B 259 15.17 -4.82 16.04
CA VAL B 259 14.95 -6.23 15.71
C VAL B 259 15.48 -6.74 14.33
N SER B 260 15.73 -5.81 13.37
CA SER B 260 16.24 -6.38 12.07
C SER B 260 17.60 -5.86 11.86
#